data_1C7Y
#
_entry.id   1C7Y
#
_cell.length_a   158.65
_cell.length_b   158.65
_cell.length_c   158.65
_cell.angle_alpha   90.0
_cell.angle_beta   90.0
_cell.angle_gamma   90.0
#
_symmetry.space_group_name_H-M   'I 4 3 2'
#
loop_
_entity.id
_entity.type
_entity.pdbx_description
1 polymer "DNA (5'-D(P*DAP*DAP*DGP*DTP*DTP*DGP*DGP*DGP*DAP*DTP*DTP*DGP*DT)-3')"
2 polymer "DNA (5'-D(P*DCP*DTP*DGP*DTP*DGP*DTP*DGP*DTP*DAP*DAP*DGP*DC)-3')"
3 polymer "DNA (5'-D(P*DGP*DCP*DTP*DTP*DAP*DCP*DAP*DCP*DAP*DCP*DAP*DGP*DA)-3')"
4 polymer "DNA (5'-D(P*DGP*DGP*DTP*DTP*DAP*DGP*DGP*DGP*DTP*DGP*DAP*DA)-3')"
5 polymer "DNA (5'-D(P*DTP*DTP*DCP*DAP*DCP*DCP*DCP*DTP*DAP*DAP*DCP*DCP*DA)-3')"
6 polymer "DNA (5'-D(P*DGP*DAP*DCP*DAP*DCP*DAP*DCP*DAP*DTP*DTP*DCP*DG)-3')"
7 polymer "DNA (5'-D(P*DCP*DGP*DAP*DAP*DTP*DGP*DTP*DGP*DTP*DGP*DTP*DCP*DT)-3')"
8 polymer "DNA (5'-D(P*DCP*DAP*DAP*DTP*DCP*DCP*DCP*DAP*DAP*DCP*DTP*DT)-3')"
9 polymer 'HOLLIDAY JUNCTION DNA HELICASE RUVA'
#
loop_
_entity_poly.entity_id
_entity_poly.type
_entity_poly.pdbx_seq_one_letter_code
_entity_poly.pdbx_strand_id
1 'polydeoxyribonucleotide' (DA)(DA)(DG)(DT)(DT)(DG)(DG)(DG)(DA)(DT)(DT)(DG)(DT) B
2 'polydeoxyribonucleotide' (DC)(DT)(DG)(DT)(DG)(DT)(DG)(DT)(DA)(DA)(DG)(DC) C
3 'polydeoxyribonucleotide' (DG)(DC)(DT)(DT)(DA)(DC)(DA)(DC)(DA)(DC)(DA)(DG)(DA) D
4 'polydeoxyribonucleotide' (DG)(DG)(DT)(DT)(DA)(DG)(DG)(DG)(DT)(DG)(DA)(DA) E
5 'polydeoxyribonucleotide' (DT)(DT)(DC)(DA)(DC)(DC)(DC)(DT)(DA)(DA)(DC)(DC)(DA) F
6 'polydeoxyribonucleotide' (DG)(DA)(DC)(DA)(DC)(DA)(DC)(DA)(DT)(DT)(DC)(DG) G
7 'polydeoxyribonucleotide' (DC)(DG)(DA)(DA)(DT)(DG)(DT)(DG)(DT)(DG)(DT)(DC)(DT) H
8 'polydeoxyribonucleotide' (DC)(DA)(DA)(DT)(DC)(DC)(DC)(DA)(DA)(DC)(DT)(DT) I
9 'polypeptide(L)'
;MIGRLRGIIIEKQPPLVLIEVGGVGYEVHMPMTCFYELPEAGQEAIVFTHFVVREDAQLLYGFNNKQERTLFKELIKTNG
VGPKLALAILSGMSAQQFVNAVEREEVGALVKLPGIGKKTAERLIVEMKDRFKGLHGDLFTPAADLVLTSPASPATDDAE
QEAVAALVALGYKPQEASRMVSKIARPDASSETLIREALRAAL
;
A
#
# COMPACT_ATOMS: atom_id res chain seq x y z
N MET I 1 3.55 3.97 12.98
CA MET I 1 3.77 3.31 14.30
C MET I 1 2.54 2.43 14.58
N ILE I 2 1.38 2.96 14.24
CA ILE I 2 0.14 2.23 14.45
C ILE I 2 0.04 1.58 13.09
N GLY I 3 -0.15 0.26 13.06
CA GLY I 3 -0.20 -0.42 11.76
C GLY I 3 -1.56 -1.03 11.50
N ARG I 4 -2.36 -1.16 12.55
CA ARG I 4 -3.68 -1.76 12.43
C ARG I 4 -4.53 -1.41 13.63
N LEU I 5 -5.84 -1.30 13.43
CA LEU I 5 -6.79 -0.99 14.49
C LEU I 5 -7.87 -2.05 14.46
N ARG I 6 -8.23 -2.56 15.63
CA ARG I 6 -9.26 -3.57 15.71
C ARG I 6 -10.17 -3.25 16.84
N GLY I 7 -11.38 -2.83 16.50
CA GLY I 7 -12.34 -2.49 17.52
C GLY I 7 -13.76 -2.41 17.03
N ILE I 8 -14.63 -1.81 17.83
CA ILE I 8 -16.01 -1.67 17.43
C ILE I 8 -16.27 -0.36 16.67
N ILE I 9 -16.92 -0.51 15.52
CA ILE I 9 -17.28 0.63 14.69
C ILE I 9 -18.31 1.37 15.52
N ILE I 10 -17.96 2.55 15.97
CA ILE I 10 -18.87 3.33 16.77
C ILE I 10 -19.71 4.23 15.89
N GLU I 11 -19.14 4.74 14.81
CA GLU I 11 -19.88 5.69 14.00
C GLU I 11 -19.30 5.81 12.59
N LYS I 12 -20.13 6.28 11.65
CA LYS I 12 -19.70 6.44 10.28
C LYS I 12 -20.05 7.81 9.71
N GLN I 13 -19.05 8.60 9.34
CA GLN I 13 -19.26 9.92 8.76
C GLN I 13 -18.23 9.91 7.64
N PRO I 14 -18.56 9.32 6.50
CA PRO I 14 -17.63 9.25 5.37
C PRO I 14 -16.99 10.61 5.05
N PRO I 15 -15.68 10.61 4.73
CA PRO I 15 -14.88 9.39 4.68
C PRO I 15 -14.33 8.87 6.02
N LEU I 16 -14.76 9.40 7.16
CA LEU I 16 -14.17 8.87 8.39
C LEU I 16 -15.02 8.02 9.30
N VAL I 17 -14.40 6.98 9.85
CA VAL I 17 -15.06 6.05 10.76
C VAL I 17 -14.55 6.34 12.16
N LEU I 18 -15.32 5.98 13.17
CA LEU I 18 -14.89 6.16 14.54
C LEU I 18 -14.91 4.75 15.15
N ILE I 19 -13.73 4.15 15.24
CA ILE I 19 -13.61 2.80 15.78
C ILE I 19 -13.14 2.80 17.23
N GLU I 20 -13.88 2.12 18.09
CA GLU I 20 -13.46 2.10 19.49
C GLU I 20 -12.64 0.87 19.78
N VAL I 21 -11.45 1.10 20.28
CA VAL I 21 -10.54 0.03 20.64
C VAL I 21 -10.33 0.17 22.13
N GLY I 22 -10.96 -0.70 22.89
CA GLY I 22 -10.83 -0.60 24.32
C GLY I 22 -11.77 0.50 24.74
N GLY I 23 -11.23 1.63 25.15
CA GLY I 23 -12.11 2.70 25.54
C GLY I 23 -11.85 3.93 24.70
N VAL I 24 -10.78 3.85 23.91
CA VAL I 24 -10.36 4.94 23.05
C VAL I 24 -10.95 4.81 21.69
N GLY I 25 -11.60 5.87 21.22
CA GLY I 25 -12.19 5.88 19.90
C GLY I 25 -11.35 6.69 18.92
N TYR I 26 -10.72 5.98 17.98
CA TYR I 26 -9.86 6.57 16.95
C TYR I 26 -10.63 6.96 15.69
N GLU I 27 -10.27 8.09 15.08
CA GLU I 27 -10.90 8.51 13.83
C GLU I 27 -10.05 7.99 12.65
N VAL I 28 -10.67 7.29 11.71
CA VAL I 28 -9.92 6.76 10.58
C VAL I 28 -10.44 7.23 9.23
N HIS I 29 -9.54 7.82 8.47
CA HIS I 29 -9.86 8.32 7.14
C HIS I 29 -9.68 7.21 6.15
N MET I 30 -10.80 6.79 5.56
CA MET I 30 -10.75 5.71 4.59
C MET I 30 -11.35 6.07 3.26
N PRO I 31 -10.69 5.62 2.17
CA PRO I 31 -11.13 5.85 0.78
C PRO I 31 -12.55 5.27 0.65
N MET I 32 -13.41 5.98 -0.07
CA MET I 32 -14.80 5.56 -0.26
C MET I 32 -14.99 4.13 -0.73
N THR I 33 -14.14 3.64 -1.64
CA THR I 33 -14.27 2.27 -2.12
C THR I 33 -14.06 1.31 -0.97
N CYS I 34 -13.21 1.67 0.00
CA CYS I 34 -12.92 0.81 1.16
C CYS I 34 -14.07 0.93 2.15
N PHE I 35 -14.40 2.17 2.42
CA PHE I 35 -15.46 2.51 3.33
C PHE I 35 -16.71 1.67 3.04
N TYR I 36 -17.02 1.51 1.75
CA TYR I 36 -18.19 0.75 1.32
C TYR I 36 -18.19 -0.69 1.89
N GLU I 37 -17.03 -1.20 2.26
CA GLU I 37 -16.91 -2.56 2.79
C GLU I 37 -16.94 -2.69 4.32
N LEU I 38 -16.87 -1.57 5.02
CA LEU I 38 -16.91 -1.59 6.48
C LEU I 38 -18.17 -2.26 7.03
N PRO I 39 -18.02 -3.16 8.00
CA PRO I 39 -19.21 -3.81 8.57
C PRO I 39 -20.11 -2.78 9.21
N GLU I 40 -21.33 -3.20 9.50
CA GLU I 40 -22.31 -2.32 10.10
C GLU I 40 -21.75 -1.71 11.39
N ALA I 41 -22.31 -0.59 11.82
CA ALA I 41 -21.87 0.01 13.08
C ALA I 41 -22.16 -1.02 14.16
N GLY I 42 -21.43 -0.96 15.27
CA GLY I 42 -21.65 -1.91 16.34
C GLY I 42 -20.86 -3.18 16.14
N GLN I 43 -20.49 -3.47 14.90
CA GLN I 43 -19.71 -4.66 14.57
C GLN I 43 -18.25 -4.38 14.81
N GLU I 44 -17.45 -5.41 14.87
CA GLU I 44 -16.02 -5.23 15.10
C GLU I 44 -15.31 -5.12 13.75
N ALA I 45 -14.34 -4.23 13.67
CA ALA I 45 -13.65 -4.06 12.42
C ALA I 45 -12.18 -4.14 12.63
N ILE I 46 -11.47 -4.44 11.54
CA ILE I 46 -10.03 -4.53 11.58
C ILE I 46 -9.62 -3.72 10.36
N VAL I 47 -8.83 -2.67 10.57
CA VAL I 47 -8.40 -1.85 9.46
C VAL I 47 -6.92 -1.52 9.48
N PHE I 48 -6.19 -1.85 8.41
CA PHE I 48 -4.77 -1.55 8.35
C PHE I 48 -4.69 -0.06 8.27
N THR I 49 -3.70 0.52 8.91
CA THR I 49 -3.63 1.96 8.93
C THR I 49 -2.27 2.52 8.61
N HIS I 50 -2.28 3.72 8.05
CA HIS I 50 -1.07 4.42 7.71
C HIS I 50 -1.12 5.64 8.63
N PHE I 51 -0.20 5.72 9.56
CA PHE I 51 -0.20 6.80 10.51
C PHE I 51 0.60 8.00 10.02
N VAL I 52 -0.02 9.18 10.04
CA VAL I 52 0.62 10.41 9.59
C VAL I 52 0.83 11.38 10.73
N VAL I 53 2.09 11.80 10.87
CA VAL I 53 2.48 12.72 11.93
C VAL I 53 3.07 14.00 11.41
N ARG I 54 2.57 15.08 11.53
CA ARG I 54 2.86 16.47 11.22
C ARG I 54 3.27 17.17 12.51
N GLU I 55 3.62 18.46 12.37
CA GLU I 55 4.07 19.24 13.53
C GLU I 55 2.75 19.74 14.13
N ASP I 56 1.79 20.06 13.24
CA ASP I 56 0.53 20.60 13.73
C ASP I 56 -0.65 19.62 13.75
N ALA I 57 -0.42 18.36 13.34
CA ALA I 57 -1.53 17.40 13.33
C ALA I 57 -1.10 15.97 13.04
N GLN I 58 -1.85 14.99 13.56
CA GLN I 58 -1.50 13.59 13.31
C GLN I 58 -2.70 12.67 13.03
N LEU I 59 -2.99 12.42 11.74
CA LEU I 59 -4.14 11.59 11.35
C LEU I 59 -3.90 10.12 11.01
N LEU I 60 -4.99 9.37 10.98
CA LEU I 60 -4.92 7.93 10.68
C LEU I 60 -5.63 7.56 9.35
N TYR I 61 -4.90 6.92 8.46
CA TYR I 61 -5.51 6.53 7.20
C TYR I 61 -5.70 5.04 7.21
N GLY I 62 -6.92 4.58 6.94
CA GLY I 62 -7.21 3.15 6.97
C GLY I 62 -7.68 2.46 5.70
N PHE I 63 -7.40 1.16 5.62
CA PHE I 63 -7.74 0.34 4.47
C PHE I 63 -8.16 -1.04 4.93
N ASN I 64 -9.05 -1.67 4.16
CA ASN I 64 -9.54 -2.99 4.52
C ASN I 64 -8.49 -4.05 4.25
N ASN I 65 -7.61 -3.79 3.28
CA ASN I 65 -6.59 -4.77 2.92
C ASN I 65 -5.18 -4.21 2.95
N LYS I 66 -4.22 -5.08 3.24
CA LYS I 66 -2.83 -4.63 3.28
C LYS I 66 -2.42 -4.10 1.90
N GLN I 67 -2.86 -4.80 0.86
CA GLN I 67 -2.58 -4.40 -0.51
C GLN I 67 -3.07 -2.94 -0.64
N GLU I 68 -4.33 -2.72 -0.28
CA GLU I 68 -4.91 -1.39 -0.36
C GLU I 68 -4.06 -0.35 0.35
N ARG I 69 -3.52 -0.73 1.49
CA ARG I 69 -2.67 0.20 2.26
C ARG I 69 -1.39 0.49 1.48
N THR I 70 -0.79 -0.58 0.94
CA THR I 70 0.43 -0.52 0.16
C THR I 70 0.34 0.38 -1.05
N LEU I 71 -0.72 0.19 -1.82
CA LEU I 71 -0.95 0.99 -3.01
C LEU I 71 -0.98 2.44 -2.57
N PHE I 72 -1.75 2.72 -1.52
CA PHE I 72 -1.85 4.08 -1.00
C PHE I 72 -0.49 4.63 -0.57
N LYS I 73 0.32 3.78 0.06
CA LYS I 73 1.65 4.20 0.50
C LYS I 73 2.54 4.52 -0.70
N GLU I 74 2.37 3.78 -1.78
CA GLU I 74 3.16 4.07 -2.96
C GLU I 74 2.62 5.36 -3.58
N LEU I 75 1.29 5.52 -3.58
CA LEU I 75 0.70 6.72 -4.17
C LEU I 75 1.22 7.99 -3.50
N ILE I 76 1.28 7.97 -2.18
CA ILE I 76 1.74 9.15 -1.45
C ILE I 76 3.20 9.46 -1.76
N LYS I 77 3.98 8.45 -2.10
CA LYS I 77 5.36 8.71 -2.43
C LYS I 77 5.40 9.57 -3.69
N THR I 78 4.57 9.21 -4.67
CA THR I 78 4.48 9.93 -5.94
C THR I 78 4.46 11.43 -5.70
N ASN I 79 5.28 12.13 -6.48
CA ASN I 79 5.40 13.58 -6.37
C ASN I 79 4.13 14.37 -6.73
N GLY I 80 3.76 15.28 -5.83
CA GLY I 80 2.57 16.11 -6.02
C GLY I 80 1.38 15.44 -5.36
N VAL I 81 1.55 14.18 -5.00
CA VAL I 81 0.50 13.39 -4.37
C VAL I 81 0.73 13.18 -2.88
N GLY I 82 -0.31 13.40 -2.09
CA GLY I 82 -0.23 13.22 -0.66
C GLY I 82 -1.41 12.41 -0.15
N PRO I 83 -1.58 12.33 1.18
CA PRO I 83 -2.70 11.56 1.75
C PRO I 83 -4.07 11.92 1.13
N LYS I 84 -4.38 13.21 1.09
CA LYS I 84 -5.66 13.67 0.53
C LYS I 84 -5.90 13.23 -0.91
N LEU I 85 -4.94 13.49 -1.82
CA LEU I 85 -5.13 13.10 -3.21
C LEU I 85 -5.37 11.59 -3.34
N ALA I 86 -4.48 10.81 -2.74
CA ALA I 86 -4.58 9.35 -2.77
C ALA I 86 -5.94 8.91 -2.24
N LEU I 87 -6.43 9.62 -1.23
CA LEU I 87 -7.71 9.30 -0.64
C LEU I 87 -8.76 9.54 -1.68
N ALA I 88 -8.71 10.71 -2.30
CA ALA I 88 -9.69 11.03 -3.35
C ALA I 88 -9.55 9.98 -4.45
N ILE I 89 -8.31 9.73 -4.86
CA ILE I 89 -8.03 8.76 -5.90
C ILE I 89 -8.72 7.44 -5.61
N LEU I 90 -8.61 6.98 -4.36
CA LEU I 90 -9.21 5.71 -4.02
C LEU I 90 -10.67 5.82 -3.57
N SER I 91 -11.33 6.92 -3.94
CA SER I 91 -12.74 7.13 -3.63
C SER I 91 -13.45 7.12 -4.98
N GLY I 92 -12.77 7.66 -5.98
CA GLY I 92 -13.33 7.69 -7.32
C GLY I 92 -13.22 6.32 -7.96
N MET I 93 -12.08 5.67 -7.76
CA MET I 93 -11.86 4.34 -8.32
C MET I 93 -11.14 3.44 -7.33
N SER I 94 -11.43 2.15 -7.43
CA SER I 94 -10.87 1.14 -6.54
C SER I 94 -9.46 0.75 -6.89
N ALA I 95 -8.77 0.17 -5.92
CA ALA I 95 -7.40 -0.31 -6.09
C ALA I 95 -7.29 -1.03 -7.45
N GLN I 96 -8.29 -1.87 -7.76
CA GLN I 96 -8.31 -2.56 -9.04
C GLN I 96 -8.41 -1.51 -10.15
N GLN I 97 -9.55 -0.83 -10.18
CA GLN I 97 -9.78 0.18 -11.19
C GLN I 97 -8.56 1.04 -11.45
N PHE I 98 -7.74 1.23 -10.42
CA PHE I 98 -6.53 2.03 -10.58
C PHE I 98 -5.45 1.25 -11.29
N VAL I 99 -5.20 0.05 -10.77
CA VAL I 99 -4.21 -0.83 -11.37
C VAL I 99 -4.54 -0.84 -12.85
N ASN I 100 -5.77 -1.27 -13.14
CA ASN I 100 -6.30 -1.34 -14.49
C ASN I 100 -5.97 -0.12 -15.30
N ALA I 101 -6.32 1.04 -14.77
CA ALA I 101 -6.08 2.31 -15.44
C ALA I 101 -4.58 2.54 -15.69
N VAL I 102 -3.74 2.23 -14.73
CA VAL I 102 -2.34 2.48 -14.97
C VAL I 102 -1.75 1.51 -16.00
N GLU I 103 -2.23 0.27 -16.00
CA GLU I 103 -1.70 -0.71 -16.94
C GLU I 103 -2.41 -0.66 -18.29
N ARG I 104 -3.45 0.16 -18.38
CA ARG I 104 -4.20 0.35 -19.62
C ARG I 104 -4.09 1.83 -20.00
N GLU I 105 -3.22 2.55 -19.29
CA GLU I 105 -3.00 3.97 -19.51
C GLU I 105 -4.27 4.78 -19.77
N GLU I 106 -5.27 4.55 -18.93
CA GLU I 106 -6.55 5.24 -18.98
C GLU I 106 -6.41 6.61 -18.27
N VAL I 107 -5.62 7.50 -18.87
CA VAL I 107 -5.39 8.83 -18.31
C VAL I 107 -6.70 9.55 -18.07
N GLY I 108 -7.56 9.52 -19.10
CA GLY I 108 -8.85 10.19 -19.02
C GLY I 108 -9.42 10.11 -17.63
N ALA I 109 -9.81 8.91 -17.24
CA ALA I 109 -10.39 8.66 -15.93
C ALA I 109 -9.63 9.40 -14.81
N LEU I 110 -8.30 9.28 -14.79
CA LEU I 110 -7.51 9.93 -13.75
C LEU I 110 -7.59 11.45 -13.74
N VAL I 111 -7.66 12.04 -14.93
CA VAL I 111 -7.72 13.49 -15.06
C VAL I 111 -8.98 14.09 -14.44
N LYS I 112 -10.12 13.48 -14.73
CA LYS I 112 -11.38 13.95 -14.19
C LYS I 112 -11.41 13.94 -12.67
N LEU I 113 -10.40 13.32 -12.05
CA LEU I 113 -10.33 13.28 -10.60
C LEU I 113 -10.06 14.68 -10.03
N PRO I 114 -10.76 15.03 -8.94
CA PRO I 114 -10.64 16.33 -8.27
C PRO I 114 -9.25 16.60 -7.71
N GLY I 115 -8.53 17.48 -8.38
CA GLY I 115 -7.18 17.83 -7.95
C GLY I 115 -6.11 17.11 -8.75
N ILE I 116 -6.52 16.23 -9.66
CA ILE I 116 -5.54 15.50 -10.42
C ILE I 116 -5.60 15.75 -11.92
N GLY I 117 -4.76 17.04 -12.40
CA GLY I 117 -4.96 17.17 -13.83
C GLY I 117 -3.87 16.25 -14.63
N LYS I 118 -3.64 16.42 -16.03
CA LYS I 118 -2.65 15.57 -16.90
C LYS I 118 -1.31 15.40 -16.27
N LYS I 119 -0.88 16.47 -15.60
CA LYS I 119 0.47 16.42 -15.13
C LYS I 119 0.71 15.26 -14.17
N THR I 120 0.03 15.27 -13.03
CA THR I 120 0.21 14.24 -12.03
C THR I 120 -0.39 12.98 -12.66
N ALA I 121 -1.49 13.14 -13.38
CA ALA I 121 -2.12 12.00 -14.01
C ALA I 121 -1.05 11.11 -14.64
N GLU I 122 -0.28 11.68 -15.56
CA GLU I 122 0.78 10.94 -16.24
C GLU I 122 1.80 10.39 -15.24
N ARG I 123 2.27 11.26 -14.35
CA ARG I 123 3.26 10.89 -13.31
C ARG I 123 2.84 9.55 -12.71
N LEU I 124 1.58 9.50 -12.25
CA LEU I 124 1.03 8.28 -11.69
C LEU I 124 1.35 7.08 -12.60
N ILE I 125 0.55 6.95 -13.64
CA ILE I 125 0.72 5.86 -14.57
C ILE I 125 2.19 5.56 -14.87
N VAL I 126 3.05 6.58 -14.86
CA VAL I 126 4.48 6.34 -15.12
C VAL I 126 5.21 5.69 -13.93
N GLU I 127 5.34 6.43 -12.83
CA GLU I 127 5.99 5.92 -11.63
C GLU I 127 5.34 4.63 -11.07
N MET I 128 4.06 4.41 -11.37
CA MET I 128 3.35 3.24 -10.84
C MET I 128 3.43 1.94 -11.65
N LYS I 129 3.44 2.05 -12.98
CA LYS I 129 3.46 0.89 -13.88
C LYS I 129 4.45 -0.20 -13.48
N ASP I 130 5.73 0.07 -13.70
CA ASP I 130 6.82 -0.84 -13.39
C ASP I 130 6.52 -1.71 -12.17
N ARG I 131 6.26 -1.04 -11.05
CA ARG I 131 5.96 -1.69 -9.78
C ARG I 131 4.87 -2.73 -10.01
N PHE I 132 3.73 -2.32 -10.57
CA PHE I 132 2.67 -3.27 -10.84
C PHE I 132 3.18 -4.42 -11.69
N LYS I 133 2.16 -5.20 -12.03
CA LYS I 133 2.40 -6.30 -12.94
C LYS I 133 3.57 -7.09 -12.43
N GLY I 134 3.16 -8.27 -12.03
CA GLY I 134 3.93 -9.31 -11.40
C GLY I 134 2.59 -9.68 -10.79
N LEU I 135 1.76 -8.63 -10.76
CA LEU I 135 0.37 -8.61 -10.30
C LEU I 135 -0.47 -9.28 -11.40
N HIS I 136 0.03 -9.17 -12.63
CA HIS I 136 -0.63 -9.74 -13.80
C HIS I 136 -2.11 -9.40 -13.80
N GLY I 137 -2.42 -8.11 -13.65
CA GLY I 137 -3.80 -7.65 -13.66
C GLY I 137 -4.63 -7.77 -12.40
N ASP I 138 -4.35 -8.78 -11.60
CA ASP I 138 -5.12 -8.99 -10.38
C ASP I 138 -4.36 -8.38 -9.21
N LEU I 139 -5.06 -7.61 -8.38
CA LEU I 139 -4.46 -6.94 -7.23
C LEU I 139 -4.31 -7.83 -6.00
N PHE I 140 -4.94 -9.00 -6.09
CA PHE I 140 -4.90 -9.96 -5.00
C PHE I 140 -4.19 -11.29 -5.32
N THR I 141 -3.39 -11.30 -6.39
CA THR I 141 -2.61 -12.50 -6.66
C THR I 141 -1.71 -12.46 -5.41
N PRO I 142 -1.22 -13.62 -4.95
CA PRO I 142 -0.35 -13.78 -3.77
C PRO I 142 0.84 -12.80 -3.57
N ALA I 143 1.00 -12.31 -2.34
CA ALA I 143 2.07 -11.37 -1.97
C ALA I 143 2.04 -10.13 -2.87
N ALA I 144 0.85 -9.58 -3.05
CA ALA I 144 0.68 -8.42 -3.87
C ALA I 144 1.51 -7.25 -3.39
N ASP I 145 1.54 -6.95 -2.09
CA ASP I 145 2.35 -5.80 -1.65
C ASP I 145 3.85 -6.04 -1.74
N LEU I 146 4.27 -7.29 -1.70
CA LEU I 146 5.70 -7.56 -1.84
C LEU I 146 6.00 -7.08 -3.25
N VAL I 147 5.14 -7.48 -4.18
CA VAL I 147 5.27 -7.07 -5.56
C VAL I 147 5.37 -5.54 -5.69
N LEU I 148 4.31 -4.88 -5.22
CA LEU I 148 4.23 -3.43 -5.25
C LEU I 148 5.48 -2.91 -4.57
N THR I 149 5.52 -3.17 -3.27
CA THR I 149 6.54 -2.75 -2.34
C THR I 149 8.02 -3.04 -2.49
N SER I 150 8.38 -4.17 -3.09
CA SER I 150 9.84 -4.53 -3.28
C SER I 150 10.33 -4.22 -4.75
N ALA I 155 8.04 -11.11 -9.94
CA ALA I 155 7.60 -12.57 -9.86
C ALA I 155 8.87 -13.56 -9.88
N THR I 156 9.17 -14.00 -8.65
CA THR I 156 10.34 -14.84 -8.22
C THR I 156 9.80 -15.35 -6.84
N ASP I 157 10.55 -16.03 -5.96
CA ASP I 157 9.81 -16.41 -4.75
C ASP I 157 9.34 -15.30 -3.75
N ASP I 158 8.25 -15.60 -3.05
CA ASP I 158 7.63 -14.73 -2.03
C ASP I 158 8.67 -14.39 -0.97
N ALA I 159 9.46 -15.39 -0.60
CA ALA I 159 10.50 -15.19 0.39
C ALA I 159 11.66 -14.37 -0.19
N GLU I 160 11.92 -14.46 -1.48
CA GLU I 160 13.01 -13.69 -2.03
C GLU I 160 12.62 -12.23 -2.05
N GLN I 161 11.35 -11.98 -2.33
CA GLN I 161 10.83 -10.63 -2.39
C GLN I 161 11.03 -9.97 -1.06
N GLU I 162 10.45 -10.63 -0.06
CA GLU I 162 10.52 -10.18 1.32
C GLU I 162 11.97 -9.83 1.75
N ALA I 163 12.90 -10.72 1.40
CA ALA I 163 14.31 -10.57 1.72
C ALA I 163 14.90 -9.41 0.97
N VAL I 164 14.56 -9.25 -0.31
CA VAL I 164 15.13 -8.10 -1.00
C VAL I 164 14.57 -6.86 -0.32
N ALA I 165 13.32 -6.96 0.10
CA ALA I 165 12.70 -5.86 0.80
C ALA I 165 13.54 -5.41 2.00
N ALA I 166 13.80 -6.36 2.88
CA ALA I 166 14.55 -6.12 4.09
C ALA I 166 15.95 -5.59 3.87
N LEU I 167 16.63 -6.16 2.88
CA LEU I 167 17.97 -5.76 2.56
C LEU I 167 17.94 -4.31 2.12
N VAL I 168 16.88 -3.93 1.45
CA VAL I 168 16.81 -2.57 1.04
C VAL I 168 16.45 -1.68 2.25
N ALA I 169 15.87 -2.26 3.29
CA ALA I 169 15.51 -1.47 4.49
C ALA I 169 16.78 -1.15 5.22
N LEU I 170 17.71 -2.08 5.09
CA LEU I 170 19.00 -1.96 5.72
C LEU I 170 20.01 -1.07 5.00
N GLY I 171 19.69 -0.57 3.81
CA GLY I 171 20.65 0.27 3.16
C GLY I 171 21.18 -0.26 1.85
N TYR I 172 20.98 -1.54 1.56
CA TYR I 172 21.45 -2.04 0.27
C TYR I 172 20.61 -1.44 -0.85
N LYS I 173 21.26 -1.17 -1.97
CA LYS I 173 20.54 -0.65 -3.10
C LYS I 173 19.75 -1.81 -3.69
N PRO I 174 18.60 -1.50 -4.28
CA PRO I 174 17.74 -2.50 -4.89
C PRO I 174 18.41 -3.46 -5.88
N GLN I 175 19.32 -2.95 -6.69
CA GLN I 175 20.01 -3.82 -7.65
C GLN I 175 20.67 -4.87 -6.77
N GLU I 176 21.51 -4.32 -5.88
CA GLU I 176 22.32 -5.03 -4.91
C GLU I 176 21.48 -6.05 -4.19
N ALA I 177 20.36 -5.59 -3.64
CA ALA I 177 19.47 -6.49 -2.90
C ALA I 177 19.06 -7.64 -3.78
N SER I 178 18.58 -7.35 -4.98
CA SER I 178 18.15 -8.44 -5.80
C SER I 178 19.24 -9.40 -6.07
N ARG I 179 20.28 -8.93 -6.76
CA ARG I 179 21.43 -9.78 -7.11
C ARG I 179 21.90 -10.55 -5.89
N MET I 180 21.95 -9.86 -4.75
CA MET I 180 22.40 -10.52 -3.53
C MET I 180 21.58 -11.75 -3.15
N VAL I 181 20.26 -11.62 -3.25
CA VAL I 181 19.38 -12.72 -2.91
C VAL I 181 19.54 -13.86 -3.92
N SER I 182 19.26 -13.60 -5.19
CA SER I 182 19.39 -14.65 -6.20
C SER I 182 20.72 -15.39 -6.14
N LYS I 183 21.83 -14.68 -5.92
CA LYS I 183 23.12 -15.36 -5.84
C LYS I 183 22.90 -16.57 -4.95
N ILE I 184 22.05 -16.41 -3.93
CA ILE I 184 21.77 -17.47 -2.96
C ILE I 184 20.94 -18.58 -3.62
N ALA I 185 20.08 -18.21 -4.56
CA ALA I 185 19.24 -19.16 -5.30
C ALA I 185 18.56 -20.19 -4.38
N ARG I 186 17.44 -19.83 -3.78
CA ARG I 186 16.81 -20.72 -2.83
C ARG I 186 15.45 -20.18 -2.56
N PRO I 187 14.66 -20.05 -3.60
CA PRO I 187 13.30 -19.53 -3.50
C PRO I 187 12.51 -20.27 -2.44
N ASP I 188 12.98 -21.44 -2.05
CA ASP I 188 12.22 -22.20 -1.09
C ASP I 188 12.72 -22.20 0.32
N ALA I 189 13.31 -21.08 0.76
CA ALA I 189 13.86 -20.94 2.08
C ALA I 189 13.06 -19.83 2.66
N SER I 190 13.15 -19.66 3.98
CA SER I 190 12.46 -18.60 4.67
C SER I 190 12.97 -17.23 4.21
N SER I 191 12.09 -16.24 4.10
CA SER I 191 12.60 -14.93 3.74
C SER I 191 13.65 -14.61 4.79
N GLU I 192 13.43 -14.96 6.07
CA GLU I 192 14.48 -14.66 7.08
C GLU I 192 15.78 -15.43 6.75
N THR I 193 15.70 -16.69 6.34
CA THR I 193 16.92 -17.43 6.01
C THR I 193 17.77 -16.76 4.89
N LEU I 194 17.08 -16.19 3.89
CA LEU I 194 17.73 -15.52 2.79
C LEU I 194 18.37 -14.28 3.34
N ILE I 195 17.56 -13.45 3.99
CA ILE I 195 18.08 -12.25 4.59
C ILE I 195 19.33 -12.61 5.40
N ARG I 196 19.30 -13.78 6.01
CA ARG I 196 20.42 -14.24 6.79
C ARG I 196 21.61 -14.74 5.96
N GLU I 197 21.45 -15.59 4.94
CA GLU I 197 22.67 -16.01 4.23
C GLU I 197 23.25 -14.83 3.47
N ALA I 198 22.36 -14.12 2.78
CA ALA I 198 22.71 -12.94 2.03
C ALA I 198 23.63 -12.08 2.87
N LEU I 199 23.13 -11.69 4.03
CA LEU I 199 23.92 -10.81 4.85
C LEU I 199 25.25 -11.44 5.08
N ARG I 200 25.22 -12.66 5.62
CA ARG I 200 26.42 -13.41 5.96
C ARG I 200 27.38 -13.40 4.80
N ALA I 201 26.87 -13.36 3.59
CA ALA I 201 27.78 -13.34 2.49
C ALA I 201 28.27 -11.95 2.25
N ALA I 202 27.39 -10.96 2.29
CA ALA I 202 27.82 -9.59 2.04
C ALA I 202 28.99 -9.18 2.92
N LEU I 203 28.97 -9.61 4.17
CA LEU I 203 30.03 -9.24 5.10
C LEU I 203 30.97 -10.43 5.34
#